data_4TXW
#
_entry.id   4TXW
#
_cell.length_a   35.102
_cell.length_b   64.709
_cell.length_c   37.723
_cell.angle_alpha   90.00
_cell.angle_beta   94.52
_cell.angle_gamma   90.00
#
_symmetry.space_group_name_H-M   'P 1 21 1'
#
loop_
_entity.id
_entity.type
_entity.pdbx_description
1 polymer Hyaluronoglucosaminidase
2 non-polymer 'CALCIUM ION'
3 non-polymer 1,2-ETHANEDIOL
4 water water
#
_entity_poly.entity_id   1
_entity_poly.type   'polypeptide(L)'
_entity_poly.pdbx_seq_one_letter_code
;GSHMASVYEPSLVDAYVGDDGAKKAVDGDLKTRVKFLGAPSTGDTIVYDLGQEILVDNLKYVVLDTEVDHVRDGKIQLSL
DGETWTDAINIGDGVENGVDDMFSTPLKNGYKHGNQSGGIVPIDSAYVEGDNLNQKARYVRILFTAPYRHRWTVINELMI
NNGEYIPTVNDPT
;
_entity_poly.pdbx_strand_id   A
#
loop_
_chem_comp.id
_chem_comp.type
_chem_comp.name
_chem_comp.formula
CA non-polymer 'CALCIUM ION' 'Ca 2'
EDO non-polymer 1,2-ETHANEDIOL 'C2 H6 O2'
#
# COMPACT_ATOMS: atom_id res chain seq x y z
N VAL A 7 -1.47 23.17 -5.51
CA VAL A 7 -1.61 21.71 -5.49
C VAL A 7 -0.43 21.04 -6.19
N TYR A 8 0.12 20.01 -5.55
CA TYR A 8 1.30 19.33 -6.08
C TYR A 8 1.01 17.88 -6.40
N GLU A 9 1.89 17.29 -7.21
CA GLU A 9 1.82 15.86 -7.46
C GLU A 9 2.24 15.14 -6.19
N PRO A 10 1.67 13.95 -5.96
CA PRO A 10 2.09 13.12 -4.81
C PRO A 10 3.54 12.72 -4.93
N SER A 11 4.19 12.46 -3.82
CA SER A 11 5.60 12.10 -3.85
C SER A 11 6.01 11.37 -2.58
N LEU A 12 7.07 10.57 -2.67
CA LEU A 12 7.60 9.87 -1.52
C LEU A 12 8.34 10.86 -0.62
N VAL A 13 8.05 10.82 0.68
CA VAL A 13 8.73 11.69 1.63
C VAL A 13 9.56 10.95 2.68
N ASP A 14 9.37 9.64 2.82
CA ASP A 14 10.21 8.84 3.73
C ASP A 14 10.05 7.36 3.40
N ALA A 15 11.13 6.59 3.48
CA ALA A 15 11.04 5.14 3.32
C ALA A 15 12.19 4.40 3.97
N TYR A 16 11.95 3.14 4.32
CA TYR A 16 12.90 2.37 5.10
C TYR A 16 14.09 1.91 4.26
N VAL A 17 13.97 2.02 2.95
CA VAL A 17 15.00 1.53 2.03
C VAL A 17 14.84 2.24 0.69
N GLY A 18 15.87 2.19 -0.14
CA GLY A 18 15.82 2.78 -1.46
C GLY A 18 14.84 2.05 -2.37
N ASP A 19 14.62 2.61 -3.55
CA ASP A 19 13.57 2.10 -4.43
C ASP A 19 13.95 2.26 -5.89
N ASP A 20 13.18 1.64 -6.77
CA ASP A 20 13.46 1.72 -8.21
C ASP A 20 12.55 2.71 -8.96
N GLY A 21 11.97 3.66 -8.23
CA GLY A 21 11.21 4.75 -8.81
C GLY A 21 9.89 4.95 -8.09
N ALA A 22 9.94 5.64 -6.95
CA ALA A 22 8.80 5.75 -6.04
C ALA A 22 7.55 6.37 -6.63
N LYS A 23 7.70 7.18 -7.67
N LYS A 23 7.72 7.19 -7.67
CA LYS A 23 6.55 7.82 -8.29
CA LYS A 23 6.57 7.83 -8.33
C LYS A 23 5.59 6.80 -8.90
C LYS A 23 5.58 6.79 -8.85
N LYS A 24 6.07 5.58 -9.14
CA LYS A 24 5.24 4.55 -9.74
C LYS A 24 4.11 4.05 -8.83
N ALA A 25 4.21 4.34 -7.54
CA ALA A 25 3.14 3.96 -6.61
C ALA A 25 1.94 4.91 -6.65
N VAL A 26 2.13 6.11 -7.21
CA VAL A 26 1.12 7.16 -7.12
C VAL A 26 0.95 7.88 -8.45
N ASP A 27 1.16 7.15 -9.54
CA ASP A 27 1.07 7.75 -10.88
C ASP A 27 -0.27 7.52 -11.54
N GLY A 28 -1.18 6.84 -10.85
CA GLY A 28 -2.50 6.61 -11.37
C GLY A 28 -2.58 5.46 -12.36
N ASP A 29 -1.47 4.73 -12.48
CA ASP A 29 -1.39 3.63 -13.44
C ASP A 29 -1.21 2.32 -12.67
N LEU A 30 -2.23 1.46 -12.69
CA LEU A 30 -2.17 0.24 -11.90
C LEU A 30 -1.19 -0.78 -12.46
N LYS A 31 -0.67 -0.54 -13.66
CA LYS A 31 0.30 -1.45 -14.26
C LYS A 31 1.76 -1.12 -13.90
N THR A 32 2.05 0.15 -13.61
CA THR A 32 3.40 0.52 -13.19
C THR A 32 3.58 0.25 -11.71
N ARG A 33 4.77 -0.19 -11.35
CA ARG A 33 5.01 -0.55 -9.95
C ARG A 33 6.41 -0.18 -9.51
N VAL A 34 6.52 0.18 -8.23
CA VAL A 34 7.80 0.43 -7.61
C VAL A 34 8.18 -0.70 -6.68
N LYS A 35 9.46 -1.07 -6.70
CA LYS A 35 10.01 -1.99 -5.72
C LYS A 35 10.89 -1.23 -4.73
N PHE A 36 10.61 -1.45 -3.45
CA PHE A 36 11.46 -1.00 -2.36
C PHE A 36 12.45 -2.12 -2.08
N LEU A 37 13.74 -1.78 -2.23
CA LEU A 37 14.81 -2.75 -2.42
C LEU A 37 15.38 -3.36 -1.14
N GLY A 38 14.48 -3.79 -0.25
CA GLY A 38 14.88 -4.51 0.94
C GLY A 38 13.70 -5.06 1.71
N ALA A 39 14.02 -5.95 2.65
CA ALA A 39 13.04 -6.59 3.52
C ALA A 39 12.71 -5.70 4.71
N PRO A 40 11.44 -5.64 5.10
CA PRO A 40 11.01 -4.75 6.17
C PRO A 40 11.23 -5.33 7.56
N SER A 41 11.43 -4.42 8.52
CA SER A 41 11.49 -4.73 9.95
C SER A 41 10.31 -4.05 10.65
N THR A 42 9.97 -4.53 11.84
CA THR A 42 8.89 -3.91 12.61
C THR A 42 9.15 -2.41 12.78
N GLY A 43 8.13 -1.60 12.51
CA GLY A 43 8.28 -0.17 12.67
C GLY A 43 8.73 0.57 11.43
N ASP A 44 9.19 -0.17 10.40
CA ASP A 44 9.58 0.47 9.15
C ASP A 44 8.36 1.10 8.49
N THR A 45 8.58 2.14 7.71
CA THR A 45 7.51 2.80 6.98
C THR A 45 7.87 3.10 5.53
N ILE A 46 6.82 3.27 4.72
CA ILE A 46 6.90 3.92 3.42
C ILE A 46 5.86 5.04 3.46
N VAL A 47 6.29 6.29 3.24
CA VAL A 47 5.41 7.44 3.45
C VAL A 47 5.32 8.31 2.21
N TYR A 48 4.08 8.57 1.76
CA TYR A 48 3.83 9.46 0.63
C TYR A 48 3.04 10.69 1.02
N ASP A 49 3.42 11.81 0.41
CA ASP A 49 2.61 13.03 0.41
C ASP A 49 1.59 12.88 -0.70
N LEU A 50 0.32 13.17 -0.41
CA LEU A 50 -0.71 13.13 -1.43
C LEU A 50 -0.70 14.38 -2.29
N GLY A 51 -0.06 15.43 -1.81
CA GLY A 51 0.10 16.66 -2.58
C GLY A 51 -0.97 17.70 -2.35
N GLN A 52 -2.01 17.31 -1.62
CA GLN A 52 -3.09 18.21 -1.26
C GLN A 52 -3.93 17.49 -0.21
N GLU A 53 -4.77 18.24 0.51
CA GLU A 53 -5.68 17.60 1.45
C GLU A 53 -6.83 16.98 0.67
N ILE A 54 -7.21 15.77 1.05
CA ILE A 54 -8.24 15.03 0.33
C ILE A 54 -9.18 14.40 1.34
N LEU A 55 -10.48 14.42 1.06
CA LEU A 55 -11.41 13.60 1.81
C LEU A 55 -11.28 12.18 1.25
N VAL A 56 -10.56 11.34 1.99
CA VAL A 56 -10.37 9.97 1.57
C VAL A 56 -11.52 9.08 2.03
N ASP A 57 -12.30 8.62 1.05
CA ASP A 57 -13.39 7.69 1.28
C ASP A 57 -12.96 6.23 1.07
N ASN A 58 -12.07 6.03 0.10
CA ASN A 58 -11.64 4.68 -0.28
C ASN A 58 -10.14 4.67 -0.52
N LEU A 59 -9.49 3.63 -0.02
CA LEU A 59 -8.06 3.44 -0.24
C LEU A 59 -7.83 2.00 -0.68
N LYS A 60 -7.06 1.80 -1.75
CA LYS A 60 -6.69 0.46 -2.18
C LYS A 60 -5.19 0.39 -2.37
N TYR A 61 -4.60 -0.70 -1.91
CA TYR A 61 -3.19 -0.99 -2.17
C TYR A 61 -3.18 -2.18 -3.13
N VAL A 62 -2.65 -1.94 -4.33
CA VAL A 62 -2.74 -2.87 -5.45
C VAL A 62 -1.37 -3.44 -5.82
N VAL A 63 -1.33 -4.74 -6.09
CA VAL A 63 -0.16 -5.44 -6.63
C VAL A 63 -0.67 -6.46 -7.65
N LEU A 64 0.25 -7.09 -8.38
CA LEU A 64 -0.17 -8.17 -9.28
C LEU A 64 -0.65 -9.38 -8.46
N ASP A 65 -1.49 -10.22 -9.05
CA ASP A 65 -2.08 -11.31 -8.26
C ASP A 65 -1.13 -12.46 -7.93
N THR A 66 0.09 -12.39 -8.48
CA THR A 66 1.14 -13.37 -8.22
C THR A 66 2.32 -12.75 -7.47
N GLU A 67 2.20 -11.48 -7.11
CA GLU A 67 3.32 -10.74 -6.52
C GLU A 67 3.79 -11.31 -5.18
N VAL A 68 5.02 -11.80 -5.12
CA VAL A 68 5.53 -12.37 -3.88
C VAL A 68 6.02 -11.30 -2.91
N ASP A 69 6.31 -10.10 -3.45
CA ASP A 69 6.79 -8.99 -2.64
C ASP A 69 5.63 -8.14 -2.12
N HIS A 70 4.56 -8.77 -1.66
CA HIS A 70 3.42 -8.04 -1.11
C HIS A 70 3.61 -7.88 0.38
N VAL A 71 3.04 -6.82 0.95
CA VAL A 71 3.03 -6.64 2.40
C VAL A 71 2.32 -7.81 3.08
N ARG A 72 2.95 -8.40 4.09
CA ARG A 72 2.35 -9.51 4.82
C ARG A 72 1.75 -9.10 6.16
N ASP A 73 2.40 -8.18 6.84
CA ASP A 73 1.94 -7.70 8.13
C ASP A 73 2.17 -6.22 8.23
N GLY A 74 1.09 -5.44 8.20
CA GLY A 74 1.26 -4.01 8.31
C GLY A 74 -0.05 -3.28 8.35
N LYS A 75 0.03 -1.97 8.54
CA LYS A 75 -1.12 -1.11 8.56
C LYS A 75 -0.89 -0.03 7.52
N ILE A 76 -1.90 0.23 6.70
CA ILE A 76 -1.86 1.39 5.82
C ILE A 76 -2.67 2.46 6.51
N GLN A 77 -2.03 3.60 6.77
CA GLN A 77 -2.59 4.63 7.62
C GLN A 77 -2.58 5.96 6.92
N LEU A 78 -3.45 6.85 7.38
CA LEU A 78 -3.62 8.17 6.80
C LEU A 78 -3.33 9.20 7.87
N SER A 79 -2.85 10.36 7.45
CA SER A 79 -2.63 11.46 8.38
C SER A 79 -2.90 12.80 7.72
N LEU A 80 -3.40 13.75 8.49
CA LEU A 80 -3.53 15.12 8.00
C LEU A 80 -2.36 16.00 8.40
N ASP A 81 -1.62 15.60 9.45
CA ASP A 81 -0.65 16.49 10.08
C ASP A 81 0.74 15.90 10.31
N GLY A 82 0.94 14.62 10.01
CA GLY A 82 2.21 13.98 10.29
C GLY A 82 2.42 13.64 11.76
N GLU A 83 1.43 13.94 12.58
CA GLU A 83 1.47 13.65 14.02
C GLU A 83 0.60 12.44 14.37
N THR A 84 -0.68 12.52 14.03
CA THR A 84 -1.61 11.40 14.27
C THR A 84 -1.75 10.59 13.00
N TRP A 85 -1.52 9.28 13.11
CA TRP A 85 -1.75 8.35 12.01
C TRP A 85 -2.95 7.48 12.35
N THR A 86 -3.87 7.37 11.41
CA THR A 86 -5.13 6.69 11.65
C THR A 86 -5.24 5.47 10.74
N ASP A 87 -5.59 4.32 11.31
CA ASP A 87 -5.69 3.09 10.52
C ASP A 87 -6.73 3.22 9.41
N ALA A 88 -6.37 2.71 8.22
CA ALA A 88 -7.29 2.62 7.09
C ALA A 88 -7.39 1.18 6.58
N ILE A 89 -6.26 0.47 6.51
CA ILE A 89 -6.26 -0.92 6.08
C ILE A 89 -5.34 -1.74 6.98
N ASN A 90 -5.86 -2.85 7.51
CA ASN A 90 -5.05 -3.76 8.30
C ASN A 90 -4.68 -4.97 7.43
N ILE A 91 -3.40 -5.30 7.39
CA ILE A 91 -2.91 -6.42 6.62
C ILE A 91 -2.26 -7.43 7.54
N GLY A 92 -2.73 -8.66 7.52
CA GLY A 92 -2.15 -9.71 8.34
C GLY A 92 -2.52 -9.59 9.80
N ASP A 93 -1.78 -10.32 10.63
CA ASP A 93 -2.09 -10.43 12.06
C ASP A 93 -1.07 -9.75 12.96
N GLY A 94 -0.03 -9.15 12.38
CA GLY A 94 0.98 -8.46 13.15
C GLY A 94 2.04 -9.37 13.75
N VAL A 95 2.06 -10.62 13.30
CA VAL A 95 3.01 -11.62 13.76
C VAL A 95 3.83 -12.10 12.56
N GLU A 96 5.15 -12.16 12.72
CA GLU A 96 6.05 -12.51 11.62
C GLU A 96 5.66 -13.82 10.93
N ASN A 97 5.53 -13.79 9.60
CA ASN A 97 5.26 -15.00 8.83
C ASN A 97 6.53 -15.83 8.67
N GLY A 98 6.37 -17.11 8.39
CA GLY A 98 7.51 -17.99 8.22
C GLY A 98 8.10 -17.99 6.82
N VAL A 99 9.23 -18.65 6.67
CA VAL A 99 9.86 -18.76 5.36
C VAL A 99 8.97 -19.59 4.43
N ASP A 100 8.11 -20.42 5.01
CA ASP A 100 7.18 -21.20 4.20
C ASP A 100 6.22 -20.34 3.36
N ASP A 101 6.12 -19.07 3.73
CA ASP A 101 5.24 -18.13 3.04
C ASP A 101 5.96 -17.34 1.93
N MET A 102 7.24 -17.63 1.72
CA MET A 102 8.06 -16.85 0.81
C MET A 102 7.53 -16.77 -0.63
N PHE A 103 6.93 -17.86 -1.10
CA PHE A 103 6.45 -17.90 -2.49
C PHE A 103 4.93 -17.83 -2.59
N SER A 104 4.29 -17.44 -1.49
CA SER A 104 2.84 -17.23 -1.51
C SER A 104 2.45 -16.04 -2.38
N THR A 105 1.30 -16.13 -3.04
CA THR A 105 0.72 -14.95 -3.69
C THR A 105 -0.05 -14.12 -2.67
N PRO A 106 -0.40 -12.89 -3.03
CA PRO A 106 -1.17 -12.02 -2.11
C PRO A 106 -2.51 -12.65 -1.69
N LEU A 107 -3.06 -13.52 -2.53
CA LEU A 107 -4.34 -14.14 -2.19
C LEU A 107 -4.24 -15.07 -0.98
N LYS A 108 -3.03 -15.56 -0.68
CA LYS A 108 -2.81 -16.39 0.50
C LYS A 108 -2.83 -15.55 1.77
N ASN A 109 -2.60 -14.26 1.64
CA ASN A 109 -2.52 -13.36 2.78
C ASN A 109 -3.67 -12.36 2.85
N GLY A 110 -4.81 -12.76 2.32
CA GLY A 110 -6.04 -12.04 2.58
C GLY A 110 -6.36 -10.94 1.61
N TYR A 111 -5.64 -10.87 0.50
CA TYR A 111 -5.92 -9.84 -0.49
C TYR A 111 -7.14 -10.25 -1.32
N LYS A 112 -7.87 -9.25 -1.82
CA LYS A 112 -8.95 -9.49 -2.77
C LYS A 112 -8.39 -9.62 -4.17
N HIS A 113 -9.10 -10.34 -5.02
CA HIS A 113 -8.75 -10.46 -6.43
C HIS A 113 -9.49 -9.36 -7.20
N GLY A 114 -8.92 -8.92 -8.32
CA GLY A 114 -9.50 -7.86 -9.13
C GLY A 114 -10.94 -8.03 -9.52
N ASN A 115 -11.39 -9.28 -9.73
CA ASN A 115 -12.80 -9.49 -10.06
C ASN A 115 -13.78 -9.16 -8.94
N GLN A 116 -13.26 -8.74 -7.79
CA GLN A 116 -14.10 -8.34 -6.65
C GLN A 116 -14.29 -6.82 -6.62
N SER A 117 -13.68 -6.13 -7.58
CA SER A 117 -13.52 -4.68 -7.46
C SER A 117 -14.52 -3.84 -8.25
N GLY A 118 -15.52 -4.47 -8.86
CA GLY A 118 -16.45 -3.72 -9.70
C GLY A 118 -15.79 -2.98 -10.85
N GLY A 119 -14.75 -3.57 -11.43
CA GLY A 119 -14.06 -3.02 -12.58
C GLY A 119 -12.93 -2.04 -12.30
N ILE A 120 -12.68 -1.75 -11.02
CA ILE A 120 -11.66 -0.76 -10.67
C ILE A 120 -10.23 -1.32 -10.73
N VAL A 121 -10.05 -2.55 -10.26
CA VAL A 121 -8.74 -3.20 -10.24
C VAL A 121 -8.73 -4.32 -11.28
N PRO A 122 -7.70 -4.39 -12.12
CA PRO A 122 -7.66 -5.44 -13.14
C PRO A 122 -7.78 -6.86 -12.58
N ILE A 123 -8.34 -7.75 -13.39
CA ILE A 123 -8.56 -9.12 -12.98
C ILE A 123 -7.28 -9.85 -12.58
N ASP A 124 -6.15 -9.44 -13.17
CA ASP A 124 -4.86 -10.09 -12.92
C ASP A 124 -4.13 -9.53 -11.71
N SER A 125 -4.82 -8.70 -10.95
CA SER A 125 -4.23 -7.99 -9.83
C SER A 125 -4.95 -8.31 -8.52
N ALA A 126 -4.28 -8.01 -7.41
CA ALA A 126 -4.83 -8.24 -6.09
C ALA A 126 -4.71 -6.96 -5.28
N TYR A 127 -5.53 -6.83 -4.25
CA TYR A 127 -5.52 -5.59 -3.48
C TYR A 127 -6.09 -5.78 -2.10
N VAL A 128 -5.71 -4.89 -1.19
CA VAL A 128 -6.45 -4.70 0.06
C VAL A 128 -7.11 -3.33 0.03
N GLU A 129 -8.15 -3.18 0.84
CA GLU A 129 -9.03 -2.03 0.71
C GLU A 129 -9.53 -1.52 2.05
N GLY A 130 -9.63 -0.21 2.18
CA GLY A 130 -10.38 0.42 3.25
C GLY A 130 -11.49 1.24 2.61
N ASP A 131 -12.72 1.03 3.06
CA ASP A 131 -13.87 1.71 2.44
C ASP A 131 -14.65 2.52 3.46
N ASN A 132 -15.43 3.47 2.96
CA ASN A 132 -16.24 4.35 3.80
C ASN A 132 -15.38 4.96 4.90
N LEU A 133 -14.20 5.42 4.51
CA LEU A 133 -13.19 5.80 5.49
C LEU A 133 -13.48 7.11 6.20
N ASN A 134 -14.12 8.05 5.50
CA ASN A 134 -14.48 9.35 6.07
C ASN A 134 -13.29 9.99 6.80
N GLN A 135 -12.14 10.08 6.12
CA GLN A 135 -10.96 10.71 6.72
C GLN A 135 -10.43 11.84 5.87
N LYS A 136 -10.08 12.96 6.49
CA LYS A 136 -9.31 14.00 5.82
CA LYS A 136 -9.31 13.99 5.80
C LYS A 136 -7.84 13.63 5.93
N ALA A 137 -7.12 13.70 4.82
CA ALA A 137 -5.72 13.30 4.82
C ALA A 137 -4.88 14.07 3.83
N ARG A 138 -3.59 14.19 4.16
CA ARG A 138 -2.60 14.79 3.27
C ARG A 138 -1.45 13.81 3.02
N TYR A 139 -1.32 12.81 3.90
CA TYR A 139 -0.24 11.83 3.81
C TYR A 139 -0.79 10.41 4.00
N VAL A 140 -0.11 9.45 3.39
CA VAL A 140 -0.48 8.05 3.55
C VAL A 140 0.81 7.27 3.79
N ARG A 141 0.74 6.23 4.60
CA ARG A 141 1.93 5.41 4.82
C ARG A 141 1.61 3.94 5.00
N ILE A 142 2.57 3.09 4.64
CA ILE A 142 2.57 1.71 5.10
C ILE A 142 3.46 1.63 6.32
N LEU A 143 2.92 1.10 7.42
CA LEU A 143 3.67 0.84 8.65
C LEU A 143 3.77 -0.68 8.81
N PHE A 144 4.99 -1.22 8.87
CA PHE A 144 5.16 -2.66 9.03
C PHE A 144 5.06 -3.05 10.49
N THR A 145 4.21 -4.03 10.80
CA THR A 145 3.92 -4.37 12.19
C THR A 145 4.64 -5.63 12.64
N ALA A 146 5.38 -6.23 11.71
CA ALA A 146 6.24 -7.35 12.00
C ALA A 146 7.31 -7.38 10.90
N PRO A 147 8.43 -8.07 11.14
CA PRO A 147 9.40 -8.18 10.05
C PRO A 147 8.91 -9.19 9.04
N TYR A 148 9.45 -9.13 7.83
CA TYR A 148 9.45 -10.30 6.97
C TYR A 148 10.76 -10.32 6.22
N ARG A 149 11.66 -11.21 6.62
CA ARG A 149 13.03 -11.12 6.12
C ARG A 149 13.21 -11.68 4.71
N HIS A 150 12.21 -12.41 4.22
CA HIS A 150 12.39 -13.18 2.99
C HIS A 150 11.91 -12.52 1.71
N ARG A 151 11.24 -11.37 1.83
CA ARG A 151 10.74 -10.68 0.66
C ARG A 151 10.87 -9.17 0.81
N TRP A 152 10.93 -8.49 -0.33
CA TRP A 152 10.98 -7.04 -0.37
C TRP A 152 9.55 -6.51 -0.55
N THR A 153 9.39 -5.24 -0.88
CA THR A 153 8.05 -4.66 -0.97
C THR A 153 7.80 -4.01 -2.33
N VAL A 154 6.70 -4.39 -2.98
CA VAL A 154 6.30 -3.81 -4.25
C VAL A 154 4.95 -3.11 -4.08
N ILE A 155 4.79 -1.98 -4.75
CA ILE A 155 3.51 -1.28 -4.81
C ILE A 155 3.18 -0.93 -6.25
N ASN A 156 2.07 -1.46 -6.76
CA ASN A 156 1.60 -1.01 -8.06
C ASN A 156 0.86 0.32 -7.92
N GLU A 157 0.02 0.44 -6.90
CA GLU A 157 -0.64 1.71 -6.64
C GLU A 157 -1.16 1.80 -5.22
N LEU A 158 -1.05 2.99 -4.64
CA LEU A 158 -1.87 3.39 -3.50
C LEU A 158 -2.95 4.25 -4.09
N MET A 159 -4.11 3.67 -4.30
N MET A 159 -4.11 3.67 -4.34
CA MET A 159 -5.21 4.30 -5.04
CA MET A 159 -5.15 4.36 -5.07
C MET A 159 -6.15 5.02 -4.10
C MET A 159 -6.15 5.02 -4.12
N ILE A 160 -6.41 6.30 -4.38
CA ILE A 160 -7.27 7.12 -3.54
C ILE A 160 -8.61 7.34 -4.22
N ASN A 161 -9.69 7.03 -3.51
CA ASN A 161 -11.04 7.26 -4.04
C ASN A 161 -11.22 6.68 -5.44
N ASN A 162 -10.70 5.48 -5.64
CA ASN A 162 -10.86 4.77 -6.91
C ASN A 162 -10.32 5.54 -8.11
N GLY A 163 -9.36 6.43 -7.86
CA GLY A 163 -8.70 7.18 -8.91
C GLY A 163 -9.56 8.30 -9.48
N GLU A 164 -10.66 8.62 -8.80
CA GLU A 164 -11.55 9.68 -9.25
C GLU A 164 -10.90 11.06 -9.16
N TYR A 165 -11.52 12.04 -9.83
CA TYR A 165 -10.98 13.39 -9.86
C TYR A 165 -11.04 14.06 -8.49
CA CA B . 1.42 2.65 -10.54
CA CA C . 1.56 -12.53 9.98
C1 EDO D . -1.64 -6.26 11.65
O1 EDO D . -0.60 -5.40 12.14
C2 EDO D . -2.78 -5.40 11.12
O2 EDO D . -3.39 -4.69 12.20
H11 EDO D . -1.24 -6.89 10.84
H12 EDO D . -2.00 -6.90 12.45
HO1 EDO D . 0.13 -5.94 12.49
H21 EDO D . -2.39 -4.69 10.37
H22 EDO D . -3.52 -6.03 10.63
HO2 EDO D . -4.11 -4.15 11.86
#